data_3D8L
#
_entry.id   3D8L
#
_cell.length_a   158.318
_cell.length_b   158.318
_cell.length_c   99.524
_cell.angle_alpha   90.00
_cell.angle_beta   90.00
_cell.angle_gamma   120.00
#
_symmetry.space_group_name_H-M   'H 3 2'
#
loop_
_entity.id
_entity.type
_entity.pdbx_description
1 polymer ORF12
2 water water
#
_entity_poly.entity_id   1
_entity_poly.type   'polypeptide(L)'
_entity_poly.pdbx_seq_one_letter_code
;GAKQLSTARKFKMITGKDLFQQQKAMDTELKKEDGEITDLMEFVQYGLYLALFQDNIVKAKSDFSDFRSSFEFDTDGKGL
KELVELWQKEI
;
_entity_poly.pdbx_strand_id   A,B,C
#
# COMPACT_ATOMS: atom_id res chain seq x y z
N GLY A 1 -12.73 14.45 -10.01
CA GLY A 1 -12.70 14.47 -11.49
C GLY A 1 -12.84 13.08 -12.11
N ALA A 2 -12.26 12.06 -11.46
CA ALA A 2 -12.32 10.71 -12.00
C ALA A 2 -13.76 10.15 -11.89
N LYS A 3 -14.65 10.78 -12.68
CA LYS A 3 -16.10 10.55 -12.58
C LYS A 3 -16.49 9.17 -13.10
N GLN A 4 -16.42 8.16 -12.25
CA GLN A 4 -16.55 6.80 -12.72
C GLN A 4 -17.55 5.99 -11.89
N LEU A 5 -17.95 4.84 -12.40
CA LEU A 5 -18.72 3.87 -11.62
C LEU A 5 -17.81 3.29 -10.56
N SER A 6 -18.35 3.05 -9.37
CA SER A 6 -17.59 2.41 -8.31
C SER A 6 -17.54 0.96 -8.62
N THR A 7 -16.59 0.25 -8.05
CA THR A 7 -16.52 -1.17 -8.32
C THR A 7 -17.67 -1.95 -7.66
N ALA A 8 -18.21 -1.48 -6.54
CA ALA A 8 -19.45 -2.05 -5.99
C ALA A 8 -20.64 -1.91 -6.93
N ARG A 9 -20.72 -0.81 -7.67
CA ARG A 9 -21.80 -0.61 -8.64
C ARG A 9 -21.60 -1.63 -9.74
N LYS A 10 -20.40 -1.64 -10.31
CA LYS A 10 -20.09 -2.61 -11.38
C LYS A 10 -20.46 -4.04 -10.91
N PHE A 11 -20.00 -4.40 -9.70
CA PHE A 11 -20.31 -5.72 -9.15
C PHE A 11 -21.80 -6.06 -9.16
N LYS A 12 -22.65 -5.08 -8.90
CA LYS A 12 -24.07 -5.32 -8.95
C LYS A 12 -24.55 -5.46 -10.39
N MET A 13 -24.07 -4.58 -11.27
CA MET A 13 -24.51 -4.64 -12.65
C MET A 13 -24.11 -5.99 -13.25
N ILE A 14 -23.05 -6.60 -12.72
CA ILE A 14 -22.49 -7.78 -13.35
C ILE A 14 -23.15 -9.05 -12.82
N THR A 15 -23.25 -9.16 -11.50
CA THR A 15 -23.65 -10.38 -10.86
C THR A 15 -25.09 -10.36 -10.42
N GLY A 16 -25.70 -9.19 -10.47
CA GLY A 16 -27.06 -9.02 -10.00
C GLY A 16 -27.18 -8.98 -8.50
N LYS A 17 -26.05 -9.10 -7.79
CA LYS A 17 -26.05 -9.11 -6.32
C LYS A 17 -25.24 -7.98 -5.68
N ASP A 18 -25.66 -7.54 -4.50
CA ASP A 18 -25.06 -6.38 -3.88
C ASP A 18 -23.82 -6.78 -3.11
N LEU A 19 -22.67 -6.31 -3.57
CA LEU A 19 -21.38 -6.66 -2.99
C LEU A 19 -21.35 -6.61 -1.48
N PHE A 20 -21.95 -5.58 -0.90
CA PHE A 20 -21.87 -5.39 0.55
C PHE A 20 -22.64 -6.50 1.25
N GLN A 21 -23.85 -6.79 0.78
CA GLN A 21 -24.62 -7.82 1.43
C GLN A 21 -23.92 -9.18 1.24
N GLN A 22 -23.14 -9.33 0.18
CA GLN A 22 -22.37 -10.59 -0.04
C GLN A 22 -21.35 -11.00 1.01
N GLN A 23 -20.53 -10.12 1.56
CA GLN A 23 -19.62 -10.61 2.63
C GLN A 23 -20.36 -10.91 3.93
N LYS A 24 -21.51 -10.26 4.15
CA LYS A 24 -22.37 -10.61 5.30
C LYS A 24 -22.95 -12.01 5.07
N ALA A 25 -23.24 -12.30 3.81
CA ALA A 25 -23.69 -13.61 3.41
C ALA A 25 -22.60 -14.64 3.71
N MET A 26 -21.34 -14.30 3.37
CA MET A 26 -20.20 -15.24 3.53
C MET A 26 -19.92 -15.59 4.99
N ASP A 27 -20.10 -14.62 5.89
CA ASP A 27 -20.01 -14.88 7.34
C ASP A 27 -21.04 -15.87 7.79
N THR A 28 -22.29 -15.56 7.46
CA THR A 28 -23.39 -16.28 8.06
C THR A 28 -23.49 -17.65 7.39
N GLU A 29 -23.13 -17.76 6.10
CA GLU A 29 -23.11 -19.08 5.41
C GLU A 29 -22.03 -19.99 5.97
N LEU A 30 -20.90 -19.39 6.34
CA LEU A 30 -19.77 -20.08 6.99
C LEU A 30 -20.20 -20.89 8.22
N LYS A 31 -21.05 -20.32 9.10
CA LYS A 31 -21.47 -20.98 10.37
C LYS A 31 -22.26 -22.22 9.93
N LYS A 32 -23.26 -21.83 8.93
CA LYS A 32 -23.93 -22.99 8.23
C LYS A 32 -24.98 -24.05 8.66
N GLU A 33 -24.81 -25.19 7.74
CA GLU A 33 -25.78 -26.30 7.98
C GLU A 33 -25.40 -27.10 6.70
N ASP A 34 -26.09 -26.80 5.59
CA ASP A 34 -25.65 -27.22 4.25
C ASP A 34 -25.09 -25.98 3.56
N GLY A 35 -24.28 -25.25 4.36
CA GLY A 35 -23.67 -24.00 3.95
C GLY A 35 -23.05 -24.08 2.58
N GLU A 36 -23.47 -23.15 1.74
CA GLU A 36 -23.00 -23.12 0.35
C GLU A 36 -21.90 -22.09 0.20
N ILE A 37 -21.01 -22.12 1.19
CA ILE A 37 -19.92 -21.19 1.25
C ILE A 37 -19.00 -21.22 0.02
N THR A 38 -18.79 -22.39 -0.58
CA THR A 38 -17.91 -22.48 -1.74
C THR A 38 -18.43 -21.63 -2.88
N ASP A 39 -19.66 -21.91 -3.30
CA ASP A 39 -20.24 -21.16 -4.39
C ASP A 39 -20.34 -19.70 -4.02
N LEU A 40 -20.58 -19.40 -2.76
CA LEU A 40 -20.62 -17.98 -2.39
C LEU A 40 -19.27 -17.30 -2.58
N MET A 41 -18.20 -17.92 -2.10
CA MET A 41 -16.87 -17.35 -2.22
C MET A 41 -16.45 -17.14 -3.68
N GLU A 42 -16.76 -18.10 -4.53
CA GLU A 42 -16.36 -18.00 -5.95
C GLU A 42 -17.24 -16.97 -6.68
N PHE A 43 -18.49 -16.87 -6.28
CA PHE A 43 -19.38 -15.85 -6.83
C PHE A 43 -18.72 -14.51 -6.60
N VAL A 44 -18.31 -14.23 -5.36
CA VAL A 44 -17.73 -12.92 -5.05
C VAL A 44 -16.37 -12.77 -5.69
N GLN A 45 -15.51 -13.77 -5.54
CA GLN A 45 -14.18 -13.76 -6.16
C GLN A 45 -14.21 -13.34 -7.63
N TYR A 46 -15.04 -14.02 -8.41
CA TYR A 46 -15.01 -13.80 -9.88
C TYR A 46 -15.71 -12.53 -10.21
N GLY A 47 -16.79 -12.26 -9.47
CA GLY A 47 -17.56 -11.00 -9.59
C GLY A 47 -16.74 -9.77 -9.31
N LEU A 48 -15.97 -9.84 -8.24
CA LEU A 48 -15.09 -8.74 -7.83
C LEU A 48 -13.96 -8.62 -8.86
N TYR A 49 -13.43 -9.76 -9.32
CA TYR A 49 -12.36 -9.72 -10.31
C TYR A 49 -12.84 -8.95 -11.53
N LEU A 50 -14.01 -9.35 -12.03
CA LEU A 50 -14.57 -8.70 -13.20
C LEU A 50 -14.84 -7.21 -12.90
N ALA A 51 -15.40 -6.88 -11.73
CA ALA A 51 -15.65 -5.47 -11.38
C ALA A 51 -14.37 -4.63 -11.43
N LEU A 52 -13.26 -5.17 -10.94
CA LEU A 52 -12.03 -4.41 -10.78
C LEU A 52 -11.23 -4.36 -12.07
N PHE A 53 -11.46 -5.33 -12.96
CA PHE A 53 -10.58 -5.51 -14.14
C PHE A 53 -11.25 -5.52 -15.52
N GLN A 54 -12.53 -5.84 -15.63
CA GLN A 54 -13.19 -5.79 -16.93
C GLN A 54 -13.99 -4.49 -17.08
N ASP A 55 -13.58 -3.71 -18.07
CA ASP A 55 -14.15 -2.40 -18.30
C ASP A 55 -15.47 -2.53 -19.00
N ASN A 56 -15.56 -3.52 -19.87
CA ASN A 56 -16.73 -3.75 -20.66
C ASN A 56 -17.77 -4.52 -19.83
N ILE A 57 -18.77 -3.81 -19.34
CA ILE A 57 -19.82 -4.43 -18.54
C ILE A 57 -20.56 -5.53 -19.30
N VAL A 58 -20.85 -5.31 -20.58
CA VAL A 58 -21.59 -6.30 -21.36
C VAL A 58 -20.86 -7.63 -21.35
N LYS A 59 -19.55 -7.58 -21.58
CA LYS A 59 -18.72 -8.80 -21.62
C LYS A 59 -18.50 -9.42 -20.26
N ALA A 60 -18.39 -8.61 -19.22
CA ALA A 60 -18.29 -9.15 -17.84
C ALA A 60 -19.58 -9.88 -17.47
N LYS A 61 -20.70 -9.31 -17.87
CA LYS A 61 -22.00 -9.82 -17.52
C LYS A 61 -22.10 -11.23 -18.05
N SER A 62 -21.69 -11.37 -19.31
CA SER A 62 -21.85 -12.66 -19.95
C SER A 62 -20.75 -13.63 -19.50
N ASP A 63 -19.55 -13.13 -19.23
CA ASP A 63 -18.50 -14.01 -18.77
C ASP A 63 -18.94 -14.64 -17.45
N PHE A 64 -19.54 -13.79 -16.59
CA PHE A 64 -20.01 -14.22 -15.28
C PHE A 64 -21.22 -15.13 -15.47
N SER A 65 -22.08 -14.78 -16.40
CA SER A 65 -23.21 -15.61 -16.68
C SER A 65 -22.82 -17.06 -16.99
N ASP A 66 -21.78 -17.22 -17.81
CA ASP A 66 -21.25 -18.56 -18.13
C ASP A 66 -20.67 -19.27 -16.91
N PHE A 67 -20.02 -18.49 -16.05
CA PHE A 67 -19.56 -19.01 -14.79
C PHE A 67 -20.71 -19.54 -13.98
N ARG A 68 -21.88 -18.93 -14.06
CA ARG A 68 -22.98 -19.38 -13.25
C ARG A 68 -23.49 -20.72 -13.69
N SER A 69 -23.39 -21.04 -14.99
CA SER A 69 -23.78 -22.39 -15.43
C SER A 69 -22.65 -23.40 -15.36
N SER A 70 -21.40 -22.98 -15.56
CA SER A 70 -20.29 -23.93 -15.56
C SER A 70 -19.48 -23.95 -14.27
N PHE A 71 -19.53 -22.90 -13.46
CA PHE A 71 -18.60 -22.74 -12.34
C PHE A 71 -17.13 -22.70 -12.73
N GLU A 72 -16.83 -22.59 -14.03
CA GLU A 72 -15.46 -22.44 -14.47
C GLU A 72 -15.13 -20.97 -14.52
N PHE A 73 -13.95 -20.60 -14.01
CA PHE A 73 -13.52 -19.19 -14.07
C PHE A 73 -12.01 -19.02 -13.90
N ASP A 74 -11.60 -17.76 -13.90
CA ASP A 74 -10.21 -17.36 -13.76
C ASP A 74 -10.18 -15.93 -13.31
N THR A 75 -9.30 -15.62 -12.37
CA THR A 75 -9.13 -14.26 -11.87
C THR A 75 -7.65 -14.00 -11.86
N ASP A 76 -6.97 -14.57 -12.83
CA ASP A 76 -5.60 -14.25 -13.11
C ASP A 76 -4.66 -14.43 -11.95
N GLY A 77 -4.86 -15.47 -11.17
CA GLY A 77 -4.00 -15.76 -10.04
C GLY A 77 -4.42 -15.06 -8.75
N LYS A 78 -5.45 -14.22 -8.81
CA LYS A 78 -5.86 -13.45 -7.65
C LYS A 78 -6.91 -14.18 -6.80
N GLY A 79 -6.56 -14.48 -5.56
CA GLY A 79 -7.53 -15.01 -4.62
C GLY A 79 -8.50 -13.95 -4.14
N LEU A 80 -9.51 -14.37 -3.40
CA LEU A 80 -10.48 -13.45 -2.80
C LEU A 80 -9.79 -12.43 -1.88
N LYS A 81 -8.87 -12.89 -1.03
CA LYS A 81 -8.22 -12.03 -0.06
C LYS A 81 -7.69 -10.81 -0.79
N GLU A 82 -6.86 -11.11 -1.77
CA GLU A 82 -6.18 -10.12 -2.57
C GLU A 82 -7.15 -9.17 -3.28
N LEU A 83 -8.24 -9.72 -3.82
CA LEU A 83 -9.24 -8.96 -4.56
C LEU A 83 -10.06 -8.04 -3.64
N VAL A 84 -10.34 -8.49 -2.45
CA VAL A 84 -11.14 -7.66 -1.54
C VAL A 84 -10.26 -6.50 -1.09
N GLU A 85 -8.99 -6.76 -0.76
CA GLU A 85 -8.07 -5.68 -0.39
C GLU A 85 -8.01 -4.59 -1.43
N LEU A 86 -8.01 -4.96 -2.70
CA LEU A 86 -7.89 -3.97 -3.76
C LEU A 86 -9.09 -3.07 -3.68
N TRP A 87 -10.25 -3.69 -3.62
CA TRP A 87 -11.47 -2.96 -3.48
C TRP A 87 -11.54 -2.09 -2.22
N GLN A 88 -11.08 -2.62 -1.08
CA GLN A 88 -11.08 -1.86 0.18
C GLN A 88 -10.28 -0.57 0.10
N LYS A 89 -9.29 -0.51 -0.79
CA LYS A 89 -8.57 0.74 -1.06
C LYS A 89 -9.42 1.76 -1.77
N GLU A 90 -10.71 1.51 -1.95
CA GLU A 90 -11.60 2.51 -2.51
C GLU A 90 -12.77 2.66 -1.55
N ILE A 91 -12.48 2.87 -0.28
CA ILE A 91 -13.51 3.08 0.74
C ILE A 91 -12.90 3.98 1.81
N GLY B 1 7.92 -25.91 -16.34
CA GLY B 1 8.94 -25.78 -17.43
C GLY B 1 9.43 -24.36 -17.64
N ALA B 2 8.62 -23.37 -17.25
CA ALA B 2 9.01 -21.95 -17.35
C ALA B 2 10.40 -21.70 -16.76
N LYS B 3 11.46 -22.05 -17.50
CA LYS B 3 12.82 -21.97 -16.97
C LYS B 3 13.31 -20.53 -16.88
N GLN B 4 13.35 -19.96 -15.69
CA GLN B 4 13.42 -18.51 -15.55
C GLN B 4 14.22 -17.97 -14.38
N LEU B 5 14.44 -16.66 -14.33
CA LEU B 5 15.09 -16.03 -13.19
C LEU B 5 14.08 -15.86 -12.07
N SER B 6 14.49 -16.12 -10.82
CA SER B 6 13.62 -15.90 -9.69
C SER B 6 13.52 -14.41 -9.45
N THR B 7 12.44 -14.01 -8.79
CA THR B 7 12.28 -12.58 -8.56
C THR B 7 13.29 -12.06 -7.52
N ALA B 8 13.79 -12.91 -6.61
CA ALA B 8 14.95 -12.52 -5.77
C ALA B 8 16.19 -12.27 -6.61
N ARG B 9 16.41 -13.09 -7.63
CA ARG B 9 17.65 -13.02 -8.45
C ARG B 9 17.69 -11.69 -9.20
N LYS B 10 16.54 -11.28 -9.72
CA LYS B 10 16.41 -10.03 -10.44
C LYS B 10 16.63 -8.84 -9.51
N PHE B 11 16.09 -8.94 -8.30
CA PHE B 11 16.25 -7.90 -7.30
C PHE B 11 17.75 -7.61 -7.08
N LYS B 12 18.52 -8.67 -6.87
CA LYS B 12 19.95 -8.50 -6.75
C LYS B 12 20.59 -7.94 -8.03
N MET B 13 20.10 -8.39 -9.17
CA MET B 13 20.69 -7.97 -10.41
C MET B 13 20.50 -6.48 -10.56
N ILE B 14 19.33 -6.02 -10.13
CA ILE B 14 18.88 -4.63 -10.29
C ILE B 14 19.46 -3.68 -9.23
N THR B 15 19.41 -4.10 -7.97
CA THR B 15 19.71 -3.24 -6.83
C THR B 15 21.07 -3.49 -6.27
N GLY B 16 21.56 -4.70 -6.44
CA GLY B 16 22.89 -5.00 -5.94
C GLY B 16 22.85 -5.54 -4.54
N LYS B 17 21.67 -5.60 -3.95
CA LYS B 17 21.50 -6.16 -2.61
C LYS B 17 20.56 -7.37 -2.62
N ASP B 18 20.76 -8.22 -1.64
CA ASP B 18 20.04 -9.45 -1.49
C ASP B 18 18.68 -9.25 -0.80
N LEU B 19 17.61 -9.69 -1.47
CA LEU B 19 16.23 -9.51 -0.99
C LEU B 19 16.04 -10.13 0.34
N PHE B 20 16.56 -11.35 0.52
CA PHE B 20 16.42 -12.07 1.78
C PHE B 20 17.07 -11.41 2.98
N GLN B 21 18.13 -10.63 2.76
CA GLN B 21 18.77 -9.83 3.81
C GLN B 21 18.00 -8.56 4.15
N GLN B 22 17.13 -8.13 3.24
CA GLN B 22 16.49 -6.83 3.36
C GLN B 22 15.48 -6.79 4.48
N GLN B 23 14.54 -7.71 4.55
CA GLN B 23 13.60 -7.64 5.69
C GLN B 23 14.31 -7.75 7.04
N LYS B 24 15.35 -8.57 7.11
CA LYS B 24 16.12 -8.58 8.32
C LYS B 24 16.65 -7.17 8.59
N ALA B 25 17.06 -6.48 7.53
CA ALA B 25 17.56 -5.13 7.66
C ALA B 25 16.46 -4.22 8.17
N MET B 26 15.34 -4.19 7.44
CA MET B 26 14.20 -3.29 7.76
C MET B 26 13.81 -3.39 9.22
N ASP B 27 13.95 -4.61 9.76
CA ASP B 27 13.74 -4.89 11.19
C ASP B 27 14.72 -4.23 12.11
N THR B 28 16.00 -4.44 11.81
CA THR B 28 17.06 -3.93 12.65
C THR B 28 17.32 -2.44 12.36
N GLU B 29 16.77 -1.93 11.26
CA GLU B 29 16.70 -0.49 11.04
C GLU B 29 15.61 0.19 11.87
N LEU B 30 14.58 -0.58 12.22
CA LEU B 30 13.46 -0.09 13.03
C LEU B 30 13.83 0.05 14.49
N LYS B 31 14.67 -0.85 14.99
CA LYS B 31 15.31 -0.66 16.32
C LYS B 31 16.65 0.02 15.98
N LYS B 32 16.87 1.22 16.51
CA LYS B 32 17.82 2.14 15.89
C LYS B 32 18.30 3.26 16.84
N GLU B 33 18.99 4.23 16.25
CA GLU B 33 19.28 5.51 16.89
C GLU B 33 18.90 6.60 15.86
N ASP B 34 19.77 6.79 14.84
CA ASP B 34 19.52 7.68 13.71
C ASP B 34 19.39 6.81 12.48
N GLY B 35 18.39 5.93 12.54
CA GLY B 35 18.11 5.01 11.46
C GLY B 35 17.55 5.69 10.22
N GLU B 36 17.38 4.88 9.21
CA GLU B 36 17.00 5.37 7.91
C GLU B 36 16.03 4.38 7.27
N ILE B 37 15.04 3.96 8.08
CA ILE B 37 14.11 2.96 7.61
C ILE B 37 13.42 3.47 6.37
N THR B 38 13.09 4.76 6.31
CA THR B 38 12.43 5.33 5.12
C THR B 38 13.14 4.92 3.86
N ASP B 39 14.43 5.22 3.75
CA ASP B 39 15.19 4.91 2.53
C ASP B 39 15.29 3.41 2.25
N LEU B 40 15.37 2.60 3.31
CA LEU B 40 15.46 1.14 3.17
C LEU B 40 14.17 0.60 2.65
N MET B 41 13.07 1.07 3.21
CA MET B 41 11.77 0.60 2.78
C MET B 41 11.49 0.92 1.32
N GLU B 42 11.91 2.11 0.86
CA GLU B 42 11.61 2.56 -0.49
C GLU B 42 12.55 1.86 -1.46
N PHE B 43 13.76 1.58 -0.99
CA PHE B 43 14.72 0.75 -1.69
C PHE B 43 14.07 -0.58 -1.98
N VAL B 44 13.61 -1.28 -0.94
CA VAL B 44 13.08 -2.60 -1.14
C VAL B 44 11.82 -2.48 -1.97
N GLN B 45 11.00 -1.48 -1.68
CA GLN B 45 9.73 -1.33 -2.38
C GLN B 45 9.91 -1.20 -3.86
N TYR B 46 10.86 -0.39 -4.31
CA TYR B 46 10.99 -0.11 -5.75
C TYR B 46 11.78 -1.21 -6.49
N GLY B 47 12.86 -1.67 -5.88
CA GLY B 47 13.58 -2.84 -6.40
C GLY B 47 12.63 -4.01 -6.62
N LEU B 48 11.78 -4.28 -5.64
CA LEU B 48 10.93 -5.45 -5.73
C LEU B 48 9.95 -5.23 -6.85
N TYR B 49 9.46 -4.01 -6.94
CA TYR B 49 8.46 -3.69 -7.94
C TYR B 49 9.04 -3.92 -9.29
N LEU B 50 10.29 -3.47 -9.47
CA LEU B 50 10.97 -3.66 -10.72
C LEU B 50 11.23 -5.17 -10.95
N ALA B 51 11.62 -5.92 -9.91
CA ALA B 51 11.94 -7.34 -10.11
C ALA B 51 10.69 -8.12 -10.47
N LEU B 52 9.53 -7.60 -10.12
CA LEU B 52 8.29 -8.35 -10.35
C LEU B 52 7.67 -7.99 -11.67
N PHE B 53 7.86 -6.75 -12.10
CA PHE B 53 7.07 -6.20 -13.21
C PHE B 53 7.81 -5.60 -14.37
N GLN B 54 9.11 -5.28 -14.20
CA GLN B 54 9.96 -4.90 -15.35
C GLN B 54 10.78 -6.08 -15.91
N ASP B 55 10.39 -6.59 -17.09
CA ASP B 55 11.08 -7.76 -17.64
C ASP B 55 12.47 -7.40 -18.11
N ASN B 56 12.62 -6.14 -18.55
CA ASN B 56 13.90 -5.65 -19.03
C ASN B 56 14.78 -5.25 -17.88
N ILE B 57 15.59 -6.19 -17.43
CA ILE B 57 16.49 -5.96 -16.32
C ILE B 57 17.46 -4.82 -16.70
N VAL B 58 17.94 -4.78 -17.93
CA VAL B 58 18.90 -3.73 -18.30
C VAL B 58 18.34 -2.35 -17.97
N LYS B 59 17.07 -2.16 -18.31
CA LYS B 59 16.43 -0.88 -18.13
C LYS B 59 16.09 -0.69 -16.66
N ALA B 60 15.58 -1.76 -16.07
CA ALA B 60 15.26 -1.79 -14.67
C ALA B 60 16.45 -1.38 -13.79
N LYS B 61 17.66 -1.80 -14.15
CA LYS B 61 18.87 -1.40 -13.42
C LYS B 61 19.02 0.11 -13.51
N SER B 62 19.11 0.60 -14.74
CA SER B 62 19.21 2.03 -15.02
C SER B 62 18.12 2.86 -14.31
N ASP B 63 16.89 2.36 -14.34
CA ASP B 63 15.81 3.09 -13.74
C ASP B 63 15.96 3.12 -12.24
N PHE B 64 16.43 2.02 -11.65
CA PHE B 64 16.66 1.97 -10.20
C PHE B 64 17.78 2.94 -9.78
N SER B 65 18.89 2.84 -10.47
CA SER B 65 20.00 3.74 -10.23
C SER B 65 19.55 5.22 -10.30
N ASP B 66 18.64 5.56 -11.22
CA ASP B 66 18.10 6.93 -11.26
C ASP B 66 17.50 7.30 -9.92
N PHE B 67 16.53 6.50 -9.50
CA PHE B 67 15.90 6.68 -8.21
C PHE B 67 16.95 6.77 -7.09
N ARG B 68 18.09 6.09 -7.20
CA ARG B 68 19.09 6.24 -6.14
C ARG B 68 19.65 7.67 -5.99
N SER B 69 19.68 8.44 -7.06
CA SER B 69 20.04 9.87 -6.98
C SER B 69 18.80 10.74 -6.63
N SER B 70 17.77 10.63 -7.45
CA SER B 70 16.58 11.43 -7.32
C SER B 70 15.74 11.07 -6.11
N PHE B 71 15.77 9.81 -5.68
CA PHE B 71 14.83 9.31 -4.64
C PHE B 71 13.37 9.36 -5.06
N GLU B 72 13.14 9.56 -6.35
CA GLU B 72 11.80 9.54 -6.90
C GLU B 72 11.53 8.16 -7.45
N PHE B 73 10.28 7.71 -7.35
CA PHE B 73 9.88 6.48 -8.00
C PHE B 73 8.37 6.40 -8.10
N ASP B 74 7.94 5.36 -8.82
CA ASP B 74 6.55 5.04 -9.04
C ASP B 74 6.48 3.53 -9.01
N THR B 75 5.44 2.95 -8.43
CA THR B 75 5.29 1.50 -8.51
C THR B 75 3.88 1.12 -8.85
N ASP B 76 3.25 1.90 -9.73
CA ASP B 76 1.97 1.54 -10.28
C ASP B 76 0.91 1.38 -9.18
N GLY B 77 1.11 2.07 -8.08
CA GLY B 77 0.16 2.03 -6.99
C GLY B 77 0.28 0.77 -6.15
N LYS B 78 1.43 0.15 -6.17
CA LYS B 78 1.60 -1.08 -5.41
C LYS B 78 2.49 -0.79 -4.22
N GLY B 79 1.99 -0.98 -3.01
CA GLY B 79 2.81 -0.80 -1.81
C GLY B 79 3.63 -2.06 -1.50
N LEU B 80 4.61 -1.92 -0.63
CA LEU B 80 5.35 -3.07 -0.07
C LEU B 80 4.44 -4.22 0.32
N LYS B 81 3.50 -4.00 1.22
CA LYS B 81 2.72 -5.10 1.73
C LYS B 81 2.40 -5.96 0.52
N GLU B 82 1.82 -5.30 -0.48
CA GLU B 82 1.27 -5.93 -1.65
C GLU B 82 2.29 -6.64 -2.51
N LEU B 83 3.36 -5.92 -2.80
CA LEU B 83 4.45 -6.50 -3.55
C LEU B 83 5.06 -7.66 -2.77
N VAL B 84 5.26 -7.53 -1.47
CA VAL B 84 5.96 -8.60 -0.75
C VAL B 84 5.14 -9.85 -0.82
N GLU B 85 3.82 -9.70 -0.65
CA GLU B 85 2.91 -10.85 -0.65
C GLU B 85 2.87 -11.51 -2.00
N LEU B 86 3.11 -10.76 -3.07
CA LEU B 86 3.26 -11.37 -4.40
C LEU B 86 4.49 -12.22 -4.51
N TRP B 87 5.61 -11.66 -4.10
CA TRP B 87 6.86 -12.38 -4.05
C TRP B 87 6.79 -13.65 -3.20
N GLN B 88 6.01 -13.62 -2.12
CA GLN B 88 5.91 -14.78 -1.22
C GLN B 88 5.23 -16.02 -1.81
N LYS B 89 4.55 -15.87 -2.93
CA LYS B 89 3.87 -17.01 -3.57
C LYS B 89 4.91 -17.96 -4.16
N GLU B 90 6.12 -17.45 -4.35
CA GLU B 90 7.25 -18.19 -4.88
C GLU B 90 8.07 -18.89 -3.80
N ILE B 91 7.66 -18.77 -2.55
CA ILE B 91 8.48 -19.27 -1.46
C ILE B 91 7.81 -20.52 -0.93
N GLN C 4 6.82 11.12 -7.96
CA GLN C 4 7.57 12.22 -7.28
C GLN C 4 8.28 11.67 -6.02
N LEU C 5 8.45 12.52 -5.00
CA LEU C 5 9.03 12.12 -3.71
C LEU C 5 7.91 11.61 -2.85
N SER C 6 8.12 10.50 -2.15
CA SER C 6 7.10 10.00 -1.24
C SER C 6 6.83 11.00 -0.14
N THR C 7 5.67 10.93 0.48
CA THR C 7 5.38 11.91 1.53
C THR C 7 6.34 11.69 2.74
N ALA C 8 6.71 10.45 3.04
CA ALA C 8 7.68 10.17 4.12
C ALA C 8 9.08 10.72 3.86
N ARG C 9 9.48 10.85 2.59
CA ARG C 9 10.71 11.57 2.24
C ARG C 9 10.55 13.04 2.58
N LYS C 10 9.41 13.58 2.20
CA LYS C 10 9.18 14.99 2.44
C LYS C 10 9.23 15.25 3.96
N PHE C 11 8.60 14.36 4.72
CA PHE C 11 8.59 14.49 6.16
C PHE C 11 10.00 14.57 6.77
N LYS C 12 10.92 13.77 6.25
CA LYS C 12 12.30 13.77 6.75
C LYS C 12 12.98 15.05 6.34
N MET C 13 12.67 15.51 5.13
CA MET C 13 13.24 16.74 4.61
C MET C 13 12.75 17.92 5.42
N ILE C 14 11.50 17.88 5.84
CA ILE C 14 10.93 18.99 6.56
C ILE C 14 11.34 18.96 8.03
N THR C 15 11.27 17.79 8.67
CA THR C 15 11.41 17.72 10.11
C THR C 15 12.71 17.17 10.57
N GLY C 16 13.50 16.60 9.68
CA GLY C 16 14.78 16.03 10.08
C GLY C 16 14.62 14.77 10.89
N LYS C 17 13.41 14.21 10.91
CA LYS C 17 13.17 12.93 11.57
C LYS C 17 12.38 11.94 10.71
N ASP C 18 12.64 10.65 10.94
CA ASP C 18 12.09 9.59 10.14
C ASP C 18 10.70 9.15 10.63
N LEU C 19 9.70 9.48 9.80
CA LEU C 19 8.29 9.21 10.01
C LEU C 19 8.00 7.81 10.52
N PHE C 20 8.67 6.82 9.96
CA PHE C 20 8.39 5.48 10.41
C PHE C 20 8.92 5.27 11.81
N GLN C 21 10.11 5.75 12.10
CA GLN C 21 10.63 5.67 13.47
C GLN C 21 9.66 6.34 14.44
N GLN C 22 9.17 7.50 14.03
CA GLN C 22 8.42 8.37 14.91
C GLN C 22 7.09 7.84 15.42
N GLN C 23 6.54 6.76 14.87
CA GLN C 23 5.36 6.19 15.50
C GLN C 23 5.72 5.10 16.47
N LYS C 24 6.80 4.38 16.20
CA LYS C 24 7.35 3.51 17.22
C LYS C 24 7.67 4.33 18.46
N ALA C 25 8.19 5.55 18.24
CA ALA C 25 8.46 6.46 19.34
C ALA C 25 7.17 6.75 20.11
N MET C 26 6.10 7.14 19.38
CA MET C 26 4.75 7.43 19.97
C MET C 26 4.19 6.27 20.84
N ASP C 27 4.39 5.02 20.42
CA ASP C 27 3.94 3.86 21.21
C ASP C 27 4.68 3.75 22.51
N THR C 28 5.98 3.85 22.40
CA THR C 28 6.82 3.59 23.54
C THR C 28 6.75 4.79 24.52
N GLU C 29 6.31 5.97 24.04
CA GLU C 29 5.96 7.08 24.96
C GLU C 29 4.58 6.96 25.62
N LEU C 30 3.64 6.27 24.96
CA LEU C 30 2.29 6.04 25.50
C LEU C 30 2.36 5.23 26.79
N LYS C 31 3.32 4.30 26.86
CA LYS C 31 3.53 3.50 28.07
C LYS C 31 4.32 4.28 29.13
N LYS C 32 5.37 4.99 28.67
CA LYS C 32 5.99 6.17 29.36
C LYS C 32 6.46 6.05 30.83
N GLU C 33 7.17 7.10 31.25
CA GLU C 33 7.35 7.46 32.65
C GLU C 33 6.89 8.93 32.75
N ASP C 34 7.63 9.84 32.13
CA ASP C 34 7.16 11.22 31.92
C ASP C 34 6.86 11.42 30.44
N GLY C 35 5.87 10.64 29.98
CA GLY C 35 5.26 10.77 28.67
C GLY C 35 5.50 12.16 28.17
N GLU C 36 6.41 12.27 27.20
CA GLU C 36 6.55 13.48 26.35
C GLU C 36 5.75 13.28 25.05
N ILE C 37 4.59 12.63 25.24
CA ILE C 37 3.77 12.17 24.14
C ILE C 37 3.10 13.30 23.37
N THR C 38 2.82 14.41 24.05
CA THR C 38 2.21 15.57 23.41
C THR C 38 3.14 16.18 22.39
N ASP C 39 4.39 16.42 22.75
CA ASP C 39 5.31 17.02 21.79
C ASP C 39 5.47 16.05 20.61
N LEU C 40 5.64 14.77 20.92
CA LEU C 40 5.78 13.76 19.88
C LEU C 40 4.57 13.74 18.94
N MET C 41 3.35 13.82 19.48
CA MET C 41 2.15 13.67 18.64
C MET C 41 2.07 14.84 17.68
N GLU C 42 2.39 16.03 18.19
CA GLU C 42 2.18 17.27 17.46
C GLU C 42 3.30 17.47 16.45
N PHE C 43 4.52 17.10 16.84
CA PHE C 43 5.65 16.98 15.89
C PHE C 43 5.26 16.18 14.65
N VAL C 44 4.68 15.00 14.82
CA VAL C 44 4.21 14.19 13.69
C VAL C 44 3.05 14.94 13.04
N GLN C 45 2.04 15.29 13.83
CA GLN C 45 0.79 15.84 13.28
C GLN C 45 1.13 16.93 12.28
N TYR C 46 2.05 17.83 12.66
CA TYR C 46 2.27 19.02 11.84
C TYR C 46 3.18 18.69 10.67
N GLY C 47 4.28 18.00 10.93
CA GLY C 47 5.14 17.52 9.83
C GLY C 47 4.39 16.72 8.76
N LEU C 48 3.52 15.82 9.21
CA LEU C 48 2.77 14.98 8.29
C LEU C 48 1.88 15.85 7.45
N TYR C 49 1.21 16.77 8.11
CA TYR C 49 0.32 17.72 7.46
C TYR C 49 1.06 18.53 6.42
N LEU C 50 2.18 19.14 6.82
CA LEU C 50 2.99 19.87 5.87
C LEU C 50 3.44 18.94 4.75
N ALA C 51 3.96 17.77 5.11
CA ALA C 51 4.42 16.79 4.09
C ALA C 51 3.35 16.46 3.04
N LEU C 52 2.11 16.32 3.49
CA LEU C 52 1.01 16.00 2.58
C LEU C 52 0.51 17.19 1.76
N PHE C 53 0.51 18.38 2.37
CA PHE C 53 -0.22 19.52 1.81
C PHE C 53 0.59 20.78 1.49
N GLN C 54 1.84 20.86 1.92
CA GLN C 54 2.69 21.98 1.51
C GLN C 54 3.74 21.50 0.52
N ASP C 55 3.56 21.88 -0.74
CA ASP C 55 4.43 21.40 -1.82
C ASP C 55 5.72 22.21 -1.94
N ASN C 56 5.79 23.35 -1.26
CA ASN C 56 7.01 24.15 -1.21
C ASN C 56 7.80 23.82 0.05
N ILE C 57 8.87 23.08 -0.14
CA ILE C 57 9.63 22.56 0.98
C ILE C 57 10.35 23.69 1.74
N VAL C 58 10.83 24.70 1.02
CA VAL C 58 11.52 25.81 1.66
C VAL C 58 10.63 26.41 2.78
N LYS C 59 9.34 26.53 2.50
CA LYS C 59 8.36 27.12 3.42
C LYS C 59 8.02 26.12 4.51
N ALA C 60 7.75 24.88 4.10
CA ALA C 60 7.48 23.81 5.07
C ALA C 60 8.54 23.78 6.21
N LYS C 61 9.81 23.66 5.81
CA LYS C 61 10.91 23.61 6.76
C LYS C 61 10.79 24.77 7.75
N SER C 62 10.73 25.99 7.24
CA SER C 62 10.75 27.14 8.13
C SER C 62 9.45 27.23 8.94
N ASP C 63 8.33 26.80 8.37
CA ASP C 63 7.07 26.80 9.15
C ASP C 63 7.18 25.78 10.26
N PHE C 64 7.78 24.64 9.92
CA PHE C 64 7.98 23.63 10.94
C PHE C 64 9.00 24.13 11.95
N SER C 65 10.14 24.57 11.45
CA SER C 65 11.10 25.23 12.30
C SER C 65 10.47 26.22 13.30
N ASP C 66 9.58 27.10 12.83
CA ASP C 66 8.97 28.10 13.71
C ASP C 66 8.20 27.41 14.79
N PHE C 67 7.37 26.48 14.38
CA PHE C 67 6.69 25.61 15.32
C PHE C 67 7.63 24.97 16.36
N ARG C 68 8.86 24.59 15.98
CA ARG C 68 9.75 23.96 16.97
C ARG C 68 10.20 24.90 18.09
N SER C 69 10.26 26.20 17.78
CA SER C 69 10.54 27.22 18.80
C SER C 69 9.28 27.70 19.51
N SER C 70 8.15 27.78 18.80
CA SER C 70 6.91 28.33 19.37
C SER C 70 5.87 27.32 19.90
N PHE C 71 5.98 26.07 19.46
CA PHE C 71 4.93 25.03 19.65
C PHE C 71 3.53 25.36 19.10
N GLU C 72 3.42 26.50 18.41
CA GLU C 72 2.16 26.91 17.80
C GLU C 72 2.13 26.35 16.42
N PHE C 73 0.98 25.83 16.01
CA PHE C 73 0.84 25.31 14.66
C PHE C 73 -0.62 25.23 14.29
N ASP C 74 -0.85 24.87 13.03
CA ASP C 74 -2.18 24.72 12.49
C ASP C 74 -2.13 23.68 11.39
N THR C 75 -3.20 22.90 11.25
CA THR C 75 -3.23 21.86 10.22
C THR C 75 -4.58 21.85 9.60
N ASP C 76 -5.19 23.01 9.55
CA ASP C 76 -6.47 23.17 8.88
C ASP C 76 -7.51 22.16 9.39
N GLY C 77 -7.60 22.05 10.72
CA GLY C 77 -8.60 21.20 11.37
C GLY C 77 -8.34 19.72 11.22
N LYS C 78 -7.20 19.33 10.67
CA LYS C 78 -6.96 17.92 10.43
C LYS C 78 -6.14 17.35 11.55
N GLY C 79 -6.74 16.46 12.34
CA GLY C 79 -6.03 15.80 13.43
C GLY C 79 -5.09 14.74 12.91
N LEU C 80 -4.07 14.41 13.72
CA LEU C 80 -3.19 13.24 13.51
C LEU C 80 -3.90 12.07 12.79
N LYS C 81 -4.94 11.52 13.42
CA LYS C 81 -5.56 10.30 12.94
C LYS C 81 -5.94 10.43 11.46
N GLU C 82 -6.60 11.52 11.10
CA GLU C 82 -6.99 11.77 9.72
C GLU C 82 -5.73 11.72 8.86
N LEU C 83 -4.74 12.53 9.25
CA LEU C 83 -3.51 12.66 8.49
C LEU C 83 -2.80 11.33 8.35
N VAL C 84 -2.66 10.62 9.46
CA VAL C 84 -2.02 9.31 9.48
C VAL C 84 -2.77 8.33 8.57
N GLU C 85 -4.09 8.38 8.56
CA GLU C 85 -4.85 7.55 7.67
C GLU C 85 -4.63 7.90 6.19
N LEU C 86 -4.49 9.19 5.88
CA LEU C 86 -4.25 9.61 4.48
C LEU C 86 -2.93 9.10 3.98
N TRP C 87 -1.90 9.35 4.78
CA TRP C 87 -0.58 8.84 4.51
C TRP C 87 -0.60 7.33 4.26
N GLN C 88 -1.25 6.58 5.14
CA GLN C 88 -1.34 5.11 5.01
C GLN C 88 -1.93 4.61 3.70
N LYS C 89 -2.71 5.43 3.00
CA LYS C 89 -3.22 5.02 1.70
C LYS C 89 -2.06 4.65 0.78
N GLU C 90 -1.02 5.49 0.78
CA GLU C 90 0.25 5.23 0.08
C GLU C 90 1.19 4.37 1.00
N ILE C 91 0.90 3.06 1.11
CA ILE C 91 1.67 2.11 1.97
C ILE C 91 1.30 0.60 1.74
#